data_5BY4
#
_entry.id   5BY4
#
_cell.length_a   51.727
_cell.length_b   51.727
_cell.length_c   155.029
_cell.angle_alpha   90.00
_cell.angle_beta   90.00
_cell.angle_gamma   120.00
#
_symmetry.space_group_name_H-M   'P 65 2 2'
#
loop_
_entity.id
_entity.type
_entity.pdbx_description
1 polymer 'Protein TolR'
2 non-polymer 'SODIUM ION'
3 water water
#
_entity_poly.entity_id   1
_entity_poly.type   'polypeptide(L)'
_entity_poly.pdbx_seq_one_letter_code
;GAMAPIITQSVEVDLPDATESQAVSSNDNPPVIVEVSGIGQYTVVVEKDRLERLPPEQVVAEVSSRFKANPKTVFLIGGA
KDVPYDEIIKALNLLHSAGVKSVGLMTQPI
;
_entity_poly.pdbx_strand_id   A
#
# COMPACT_ATOMS: atom_id res chain seq x y z
N PRO A 5 1.63 -4.24 25.37
CA PRO A 5 2.67 -5.22 25.11
C PRO A 5 2.27 -6.63 25.47
N ILE A 6 2.52 -7.57 24.57
CA ILE A 6 3.04 -7.25 23.25
C ILE A 6 2.02 -7.64 22.17
N ILE A 7 1.71 -6.69 21.30
CA ILE A 7 0.77 -6.94 20.22
C ILE A 7 1.55 -7.37 19.00
N THR A 8 1.15 -8.49 18.42
CA THR A 8 1.74 -8.94 17.16
C THR A 8 0.73 -8.72 16.05
N GLN A 9 1.21 -8.79 14.81
CA GLN A 9 0.37 -8.55 13.64
CA GLN A 9 0.36 -8.54 13.65
C GLN A 9 0.40 -9.78 12.76
N SER A 10 -0.68 -9.99 12.01
CA SER A 10 -0.70 -11.11 11.09
C SER A 10 -1.60 -10.78 9.90
N VAL A 11 -1.31 -11.40 8.76
CA VAL A 11 -2.17 -11.29 7.59
C VAL A 11 -1.97 -12.54 6.73
N GLU A 12 -3.05 -13.05 6.13
CA GLU A 12 -2.94 -14.15 5.17
C GLU A 12 -2.85 -13.59 3.76
N VAL A 13 -1.92 -14.12 2.96
CA VAL A 13 -1.80 -13.74 1.55
C VAL A 13 -1.82 -14.95 0.64
N ASP A 14 -2.38 -14.76 -0.55
CA ASP A 14 -2.30 -15.77 -1.61
C ASP A 14 -1.30 -15.27 -2.63
N LEU A 15 -0.65 -16.22 -3.30
CA LEU A 15 0.42 -15.89 -4.24
C LEU A 15 0.02 -16.27 -5.66
N PRO A 16 -0.39 -15.28 -6.45
CA PRO A 16 -0.81 -15.57 -7.83
C PRO A 16 0.40 -15.68 -8.77
N ASP A 17 0.21 -16.23 -9.97
CA ASP A 17 1.34 -16.35 -10.88
C ASP A 17 1.59 -15.01 -11.57
N ALA A 18 0.55 -14.19 -11.68
CA ALA A 18 0.69 -12.84 -12.21
C ALA A 18 1.63 -12.00 -11.35
N THR A 19 2.38 -11.10 -11.99
CA THR A 19 3.41 -10.35 -11.29
C THR A 19 3.06 -8.90 -11.04
N GLU A 20 3.80 -8.27 -10.12
CA GLU A 20 3.67 -6.85 -9.85
C GLU A 20 3.92 -6.02 -11.10
N SER A 21 5.01 -6.31 -11.83
CA SER A 21 5.23 -5.53 -13.05
C SER A 21 4.14 -5.77 -14.10
N GLN A 22 3.63 -7.00 -14.19
CA GLN A 22 2.56 -7.28 -15.13
C GLN A 22 1.32 -6.44 -14.81
N ALA A 23 0.95 -6.37 -13.54
CA ALA A 23 -0.22 -5.59 -13.13
C ALA A 23 -0.11 -4.13 -13.57
N VAL A 24 1.04 -3.54 -13.32
CA VAL A 24 1.28 -2.15 -13.70
C VAL A 24 1.26 -1.95 -15.22
N SER A 25 1.96 -2.82 -15.95
CA SER A 25 2.10 -2.67 -17.40
CA SER A 25 2.08 -2.61 -17.40
C SER A 25 0.79 -2.91 -18.18
N SER A 26 -0.12 -3.67 -17.60
CA SER A 26 -1.34 -4.04 -18.33
CA SER A 26 -1.35 -4.06 -18.31
C SER A 26 -2.52 -3.13 -18.00
N ASN A 27 -2.29 -2.17 -17.11
CA ASN A 27 -3.36 -1.26 -16.66
C ASN A 27 -3.40 0.07 -17.42
N ASP A 28 -4.59 0.59 -17.63
CA ASP A 28 -4.76 1.87 -18.30
C ASP A 28 -4.40 3.09 -17.45
N ASN A 29 -4.35 2.90 -16.14
CA ASN A 29 -4.17 4.02 -15.22
C ASN A 29 -2.95 3.84 -14.33
N PRO A 30 -2.39 4.94 -13.82
CA PRO A 30 -1.20 4.79 -12.96
C PRO A 30 -1.53 4.05 -11.67
N PRO A 31 -0.53 3.41 -11.07
CA PRO A 31 -0.78 2.72 -9.81
C PRO A 31 -0.92 3.73 -8.66
N VAL A 32 -1.64 3.31 -7.62
CA VAL A 32 -1.74 4.08 -6.37
C VAL A 32 -0.71 3.44 -5.46
N ILE A 33 0.31 4.23 -5.07
CA ILE A 33 1.40 3.71 -4.26
C ILE A 33 1.25 4.17 -2.80
N VAL A 34 1.15 3.22 -1.90
CA VAL A 34 1.13 3.52 -0.46
C VAL A 34 2.56 3.34 0.02
N GLU A 35 3.20 4.45 0.35
N GLU A 35 3.18 4.46 0.36
CA GLU A 35 4.58 4.40 0.79
CA GLU A 35 4.56 4.50 0.83
C GLU A 35 4.64 4.41 2.30
C GLU A 35 4.62 4.40 2.34
N VAL A 36 5.43 3.48 2.82
CA VAL A 36 5.61 3.34 4.24
C VAL A 36 7.02 3.71 4.67
N SER A 37 7.14 4.75 5.49
N SER A 37 7.09 4.72 5.54
CA SER A 37 8.41 5.06 6.13
CA SER A 37 8.08 4.80 6.61
C SER A 37 8.69 3.95 7.15
C SER A 37 7.70 5.95 7.54
N GLY A 38 9.90 3.89 7.66
N GLY A 38 7.62 5.63 8.82
CA GLY A 38 10.25 2.79 8.53
CA GLY A 38 6.92 6.44 9.80
C GLY A 38 9.99 3.06 9.99
C GLY A 38 6.01 5.44 10.47
N ILE A 39 8.96 3.85 10.29
N ILE A 39 6.10 5.33 11.79
CA ILE A 39 8.76 4.37 11.65
CA ILE A 39 5.30 4.37 12.52
C ILE A 39 7.36 4.28 12.32
C ILE A 39 3.82 4.70 12.39
N GLY A 40 6.25 4.35 11.58
N GLY A 40 3.09 3.89 11.63
CA GLY A 40 6.18 4.62 10.15
CA GLY A 40 1.71 4.17 11.31
C GLY A 40 4.76 4.85 9.66
C GLY A 40 1.56 5.48 10.55
N GLN A 41 4.50 6.03 9.14
N GLN A 41 2.53 5.78 9.70
CA GLN A 41 3.16 6.25 8.60
CA GLN A 41 2.55 6.98 8.87
C GLN A 41 3.18 6.31 7.10
C GLN A 41 2.84 6.62 7.40
N TYR A 42 2.24 7.03 6.50
N TYR A 42 2.09 7.23 6.49
CA TYR A 42 2.00 6.79 5.09
C TYR A 42 2.02 7.99 4.20
N THR A 43 2.57 7.80 2.99
CA THR A 43 2.40 8.75 1.91
C THR A 43 1.67 8.01 0.79
N VAL A 44 0.61 8.62 0.27
CA VAL A 44 -0.09 8.02 -0.88
C VAL A 44 0.31 8.81 -2.13
N VAL A 45 0.83 8.10 -3.13
CA VAL A 45 1.37 8.75 -4.33
C VAL A 45 0.66 8.24 -5.58
N VAL A 46 0.13 9.15 -6.39
CA VAL A 46 -0.45 8.77 -7.68
C VAL A 46 0.16 9.68 -8.72
N GLU A 47 1.00 9.11 -9.57
N GLU A 47 0.99 9.10 -9.58
CA GLU A 47 1.83 9.89 -10.51
CA GLU A 47 1.86 9.87 -10.48
C GLU A 47 2.65 10.93 -9.76
C GLU A 47 2.65 10.95 -9.73
N LYS A 48 2.32 12.21 -9.97
CA LYS A 48 3.05 13.30 -9.34
C LYS A 48 2.40 13.78 -8.04
N ASP A 49 1.14 13.41 -7.83
CA ASP A 49 0.38 13.84 -6.66
C ASP A 49 0.78 13.05 -5.41
N ARG A 50 1.26 13.75 -4.38
CA ARG A 50 1.66 13.10 -3.14
C ARG A 50 0.79 13.57 -1.98
N LEU A 51 0.24 12.63 -1.22
CA LEU A 51 -0.50 12.97 0.00
C LEU A 51 0.32 12.44 1.17
N GLU A 52 1.06 13.33 1.82
CA GLU A 52 2.05 12.93 2.82
C GLU A 52 1.53 12.91 4.25
N ARG A 53 2.20 12.11 5.08
N ARG A 53 2.21 12.13 5.09
CA ARG A 53 1.95 12.08 6.52
CA ARG A 53 1.94 12.09 6.53
C ARG A 53 0.49 11.77 6.89
C ARG A 53 0.49 11.77 6.89
N LEU A 54 -0.14 10.88 6.11
CA LEU A 54 -1.53 10.50 6.38
C LEU A 54 -1.62 9.44 7.48
N PRO A 55 -2.51 9.64 8.46
CA PRO A 55 -2.74 8.64 9.49
C PRO A 55 -3.59 7.50 8.93
N PRO A 56 -3.60 6.33 9.59
CA PRO A 56 -4.27 5.14 9.08
C PRO A 56 -5.70 5.38 8.57
N GLU A 57 -6.53 6.05 9.35
CA GLU A 57 -7.92 6.26 8.91
C GLU A 57 -8.04 7.12 7.65
N GLN A 58 -7.10 8.02 7.43
CA GLN A 58 -7.12 8.85 6.23
C GLN A 58 -6.64 8.04 5.01
N VAL A 59 -5.70 7.12 5.23
CA VAL A 59 -5.28 6.25 4.15
C VAL A 59 -6.45 5.36 3.73
N VAL A 60 -7.19 4.84 4.71
CA VAL A 60 -8.36 4.03 4.40
C VAL A 60 -9.36 4.82 3.55
N ALA A 61 -9.62 6.07 3.94
CA ALA A 61 -10.56 6.91 3.19
C ALA A 61 -10.11 7.14 1.75
N GLU A 62 -8.84 7.47 1.58
CA GLU A 62 -8.27 7.73 0.27
C GLU A 62 -8.29 6.50 -0.62
N VAL A 63 -7.86 5.37 -0.06
CA VAL A 63 -7.79 4.13 -0.82
C VAL A 63 -9.17 3.60 -1.16
N SER A 64 -10.08 3.63 -0.21
CA SER A 64 -11.43 3.15 -0.46
CA SER A 64 -11.43 3.14 -0.47
C SER A 64 -12.11 3.99 -1.54
N SER A 65 -11.89 5.29 -1.51
CA SER A 65 -12.43 6.18 -2.55
C SER A 65 -11.95 5.78 -3.95
N ARG A 66 -10.66 5.52 -4.08
CA ARG A 66 -10.10 5.15 -5.38
C ARG A 66 -10.55 3.76 -5.84
N PHE A 67 -10.68 2.83 -4.90
CA PHE A 67 -11.15 1.50 -5.23
C PHE A 67 -12.61 1.53 -5.69
N LYS A 68 -13.42 2.34 -5.02
CA LYS A 68 -14.81 2.47 -5.44
C LYS A 68 -14.93 3.13 -6.80
N ALA A 69 -14.09 4.13 -7.07
CA ALA A 69 -14.14 4.84 -8.35
C ALA A 69 -13.76 3.89 -9.48
N ASN A 70 -12.77 3.03 -9.23
CA ASN A 70 -12.36 2.03 -10.23
C ASN A 70 -11.71 0.83 -9.56
N PRO A 71 -12.45 -0.28 -9.43
CA PRO A 71 -11.94 -1.47 -8.75
C PRO A 71 -10.81 -2.16 -9.51
N LYS A 72 -10.51 -1.69 -10.71
CA LYS A 72 -9.40 -2.25 -11.48
C LYS A 72 -8.08 -1.55 -11.16
N THR A 73 -8.14 -0.53 -10.30
CA THR A 73 -6.94 0.23 -9.90
C THR A 73 -5.84 -0.70 -9.38
N VAL A 74 -4.60 -0.46 -9.80
CA VAL A 74 -3.46 -1.20 -9.26
C VAL A 74 -2.93 -0.53 -8.00
N PHE A 75 -2.90 -1.28 -6.89
CA PHE A 75 -2.37 -0.76 -5.63
C PHE A 75 -1.01 -1.39 -5.35
N LEU A 76 -0.06 -0.56 -4.92
CA LEU A 76 1.29 -1.00 -4.56
C LEU A 76 1.66 -0.54 -3.16
N ILE A 77 2.48 -1.34 -2.46
CA ILE A 77 3.10 -0.86 -1.24
C ILE A 77 4.58 -0.68 -1.50
N GLY A 78 5.06 0.55 -1.42
CA GLY A 78 6.47 0.81 -1.62
C GLY A 78 7.16 1.10 -0.30
N GLY A 79 8.44 0.78 -0.23
CA GLY A 79 9.23 1.15 0.93
C GLY A 79 10.70 0.85 0.72
N ALA A 80 11.56 1.47 1.52
CA ALA A 80 12.97 1.14 1.51
C ALA A 80 13.14 -0.32 1.90
N LYS A 81 14.30 -0.88 1.57
CA LYS A 81 14.58 -2.29 1.87
C LYS A 81 14.47 -2.60 3.35
N ASP A 82 14.74 -1.60 4.20
CA ASP A 82 14.80 -1.86 5.64
C ASP A 82 13.54 -1.51 6.43
N VAL A 83 12.44 -1.19 5.75
CA VAL A 83 11.16 -1.00 6.43
C VAL A 83 10.79 -2.24 7.24
N PRO A 84 10.42 -2.06 8.51
CA PRO A 84 10.14 -3.20 9.39
C PRO A 84 8.95 -4.06 8.93
N TYR A 85 9.12 -5.37 9.05
CA TYR A 85 8.07 -6.36 8.77
C TYR A 85 6.72 -5.99 9.38
N ASP A 86 6.72 -5.52 10.62
CA ASP A 86 5.44 -5.26 11.27
CA ASP A 86 5.46 -5.21 11.32
C ASP A 86 4.67 -4.15 10.56
N GLU A 87 5.39 -3.16 10.04
CA GLU A 87 4.77 -2.05 9.31
CA GLU A 87 4.73 -2.06 9.33
C GLU A 87 4.22 -2.51 7.96
N ILE A 88 4.87 -3.51 7.37
CA ILE A 88 4.38 -4.06 6.10
C ILE A 88 3.09 -4.85 6.34
N ILE A 89 3.03 -5.61 7.43
CA ILE A 89 1.80 -6.35 7.74
C ILE A 89 0.68 -5.36 8.03
N LYS A 90 0.98 -4.32 8.81
CA LYS A 90 -0.03 -3.28 9.08
C LYS A 90 -0.58 -2.67 7.81
N ALA A 91 0.32 -2.35 6.87
CA ALA A 91 -0.12 -1.75 5.61
C ALA A 91 -0.99 -2.68 4.77
N LEU A 92 -0.66 -3.97 4.73
CA LEU A 92 -1.50 -4.94 4.03
C LEU A 92 -2.88 -5.03 4.66
N ASN A 93 -2.93 -5.05 5.99
CA ASN A 93 -4.22 -5.12 6.67
C ASN A 93 -5.03 -3.84 6.43
N LEU A 94 -4.34 -2.70 6.40
CA LEU A 94 -4.99 -1.41 6.14
C LEU A 94 -5.64 -1.44 4.75
N LEU A 95 -4.89 -1.86 3.74
CA LEU A 95 -5.44 -1.90 2.39
C LEU A 95 -6.61 -2.87 2.27
N HIS A 96 -6.52 -4.03 2.93
CA HIS A 96 -7.60 -5.01 2.83
C HIS A 96 -8.85 -4.46 3.51
N SER A 97 -8.65 -3.70 4.58
CA SER A 97 -9.80 -3.11 5.27
C SER A 97 -10.51 -2.08 4.40
N ALA A 98 -9.78 -1.47 3.48
CA ALA A 98 -10.35 -0.48 2.56
C ALA A 98 -10.95 -1.12 1.31
N GLY A 99 -10.92 -2.45 1.24
CA GLY A 99 -11.53 -3.19 0.15
C GLY A 99 -10.60 -3.73 -0.93
N VAL A 100 -9.32 -3.44 -0.81
CA VAL A 100 -8.35 -3.87 -1.82
C VAL A 100 -8.13 -5.38 -1.74
N LYS A 101 -8.06 -6.02 -2.91
CA LYS A 101 -7.95 -7.47 -3.02
C LYS A 101 -6.61 -7.96 -3.55
N SER A 102 -5.87 -7.09 -4.23
CA SER A 102 -4.55 -7.45 -4.76
C SER A 102 -3.60 -6.28 -4.51
N VAL A 103 -2.35 -6.58 -4.16
CA VAL A 103 -1.34 -5.55 -3.90
C VAL A 103 0.01 -6.00 -4.43
N GLY A 104 0.73 -5.08 -5.06
CA GLY A 104 2.11 -5.34 -5.45
C GLY A 104 3.06 -4.80 -4.39
N LEU A 105 3.93 -5.66 -3.90
CA LEU A 105 4.96 -5.27 -2.93
C LEU A 105 6.26 -4.98 -3.68
N MET A 106 6.87 -3.84 -3.42
CA MET A 106 8.13 -3.51 -4.07
C MET A 106 9.05 -2.72 -3.13
N THR A 107 10.34 -3.01 -3.18
CA THR A 107 11.29 -2.17 -2.46
C THR A 107 11.73 -1.01 -3.36
N GLN A 108 12.24 0.05 -2.75
CA GLN A 108 12.67 1.24 -3.47
C GLN A 108 13.95 1.77 -2.86
N PRO A 109 14.74 2.46 -3.65
CA PRO A 109 15.88 3.21 -3.11
C PRO A 109 15.58 4.07 -1.90
#